data_1O99
#
_entry.id   1O99
#
_cell.length_a   58.712
_cell.length_b   207.758
_cell.length_c   126.235
_cell.angle_alpha   90.00
_cell.angle_beta   90.00
_cell.angle_gamma   90.00
#
_symmetry.space_group_name_H-M   'C 2 2 21'
#
loop_
_entity.id
_entity.type
_entity.pdbx_description
1 polymer '2,3-BISPHOSPHOGLYCERATE-INDEPENDENT PHOSPHOGLYCERATE MUTASE'
2 non-polymer 'MANGANESE (II) ION'
3 non-polymer '2-PHOSPHOGLYCERIC ACID'
4 non-polymer 'SULFATE ION'
5 water water
#
_entity_poly.entity_id   1
_entity_poly.type   'polypeptide(L)'
_entity_poly.pdbx_seq_one_letter_code
;MSKKPVALIILDGFALRDETYGNAVAQANKPNFDRYWNEYPHTTLKACGEAVGLPEGQMGNAEVGHLNIGAGRIVYQSLT
RINIAIREGEFDRNETFLAAMNHVKQHGTSLHLFGLLSDGGVHSHIHHLYALLRLAAKEGVKRVYIHGFLDGRDVGPQTA
PQYIKELQEKIKEYGVGEIATLSGRYYSMDRDKRWDRVEKAYRAMVYGEGPTYRDPLECIEDSYKHGIYDEFVLPSVIVR
EDGRPVATIQDNDAIIFYNFRPDRAIQISNTFTNEDFREFDRGPKHPKHLFFVCLTHFSETVAGYVAFKPTNLDNTIGEV
LSQHGLRQLRIAETEKYPHVTFFMSGGREEEFPGEDRILINSPKVPTYDLKPEMSAYEVTDALLKEIEADKYDAIILNYA
NPDMVGHSGKLEPTIKAVEAVDECLGKVVDAILAKGGIAIITADHGNADEVLTPDGKPQTAHTTNPVPVIVTKKGIKLRD
GGILGDLAPTMLDLLGLPQPKEMTGKSLIVK
;
_entity_poly.pdbx_strand_id   A
#
loop_
_chem_comp.id
_chem_comp.type
_chem_comp.name
_chem_comp.formula
2PG non-polymer '2-PHOSPHOGLYCERIC ACID' 'C3 H7 O7 P'
MN non-polymer 'MANGANESE (II) ION' 'Mn 2'
SO4 non-polymer 'SULFATE ION' 'O4 S -2'
#
# COMPACT_ATOMS: atom_id res chain seq x y z
N SER A 2 -25.47 23.97 -15.69
CA SER A 2 -24.87 22.70 -16.21
C SER A 2 -25.01 21.58 -15.20
N LYS A 3 -23.90 20.89 -14.95
CA LYS A 3 -23.88 19.77 -14.01
C LYS A 3 -23.66 20.23 -12.58
N LYS A 4 -24.26 19.50 -11.64
CA LYS A 4 -24.11 19.78 -10.21
C LYS A 4 -23.27 18.62 -9.70
N PRO A 5 -21.94 18.69 -9.90
CA PRO A 5 -21.00 17.67 -9.49
C PRO A 5 -21.03 17.22 -8.04
N VAL A 6 -20.90 15.90 -7.86
CA VAL A 6 -20.85 15.31 -6.54
C VAL A 6 -19.42 14.82 -6.49
N ALA A 7 -18.67 15.35 -5.54
CA ALA A 7 -17.26 15.00 -5.41
C ALA A 7 -16.93 14.17 -4.19
N LEU A 8 -16.16 13.11 -4.41
CA LEU A 8 -15.73 12.27 -3.31
C LEU A 8 -14.29 12.70 -3.02
N ILE A 9 -14.10 13.35 -1.88
CA ILE A 9 -12.76 13.82 -1.52
C ILE A 9 -12.14 13.03 -0.38
N ILE A 10 -11.01 12.40 -0.69
CA ILE A 10 -10.28 11.58 0.25
C ILE A 10 -9.00 12.22 0.75
N LEU A 11 -9.01 12.57 2.04
CA LEU A 11 -7.84 13.16 2.69
C LEU A 11 -7.09 11.97 3.24
N ASP A 12 -6.16 11.46 2.45
CA ASP A 12 -5.39 10.28 2.82
C ASP A 12 -4.66 10.37 4.17
N GLY A 13 -4.91 9.36 5.02
CA GLY A 13 -4.31 9.30 6.34
C GLY A 13 -4.77 10.36 7.33
N PHE A 14 -6.01 10.83 7.18
CA PHE A 14 -6.55 11.87 8.05
C PHE A 14 -7.60 11.26 8.98
N ALA A 15 -7.25 10.99 10.22
CA ALA A 15 -8.21 10.39 11.16
C ALA A 15 -8.42 11.21 12.42
N LEU A 16 -9.52 10.95 13.12
N LEU A 16 -9.51 10.93 13.13
CA LEU A 16 -9.84 11.66 14.35
CA LEU A 16 -9.84 11.65 14.35
C LEU A 16 -9.36 10.91 15.58
C LEU A 16 -9.37 10.90 15.59
N ARG A 17 -8.58 11.60 16.40
CA ARG A 17 -8.03 11.00 17.61
C ARG A 17 -8.05 12.06 18.73
N ASP A 18 -8.63 11.73 19.87
CA ASP A 18 -8.70 12.71 20.96
C ASP A 18 -7.36 13.21 21.47
N GLU A 19 -6.43 12.31 21.83
CA GLU A 19 -5.13 12.75 22.32
C GLU A 19 -4.52 13.65 21.24
N THR A 20 -3.96 14.76 21.67
CA THR A 20 -3.35 15.70 20.74
C THR A 20 -1.83 15.60 20.75
N TYR A 21 -1.30 14.69 21.57
CA TYR A 21 0.14 14.51 21.63
C TYR A 21 0.58 13.76 20.36
N GLY A 22 1.47 14.39 19.60
CA GLY A 22 1.94 13.80 18.36
C GLY A 22 0.82 13.74 17.34
N ASN A 23 -0.25 14.49 17.58
CA ASN A 23 -1.40 14.51 16.67
C ASN A 23 -1.30 15.72 15.75
N ALA A 24 -0.81 15.50 14.53
CA ALA A 24 -0.67 16.58 13.56
C ALA A 24 -2.02 17.11 13.10
N VAL A 25 -2.98 16.20 13.00
CA VAL A 25 -4.31 16.56 12.57
C VAL A 25 -4.97 17.58 13.49
N ALA A 26 -4.86 17.33 14.79
CA ALA A 26 -5.46 18.21 15.78
C ALA A 26 -4.71 19.52 15.97
N GLN A 27 -3.39 19.50 15.77
CA GLN A 27 -2.58 20.69 15.96
C GLN A 27 -2.56 21.63 14.77
N ALA A 28 -3.02 21.12 13.63
CA ALA A 28 -3.00 21.91 12.42
C ALA A 28 -4.15 22.92 12.37
N ASN A 29 -3.87 24.07 11.78
N ASN A 29 -3.88 24.07 11.80
CA ASN A 29 -4.89 25.11 11.62
CA ASN A 29 -4.90 25.10 11.66
C ASN A 29 -5.69 24.74 10.37
C ASN A 29 -5.70 24.77 10.39
N LYS A 30 -6.89 24.22 10.57
CA LYS A 30 -7.74 23.82 9.47
C LYS A 30 -9.06 24.59 9.46
N PRO A 31 -9.03 25.91 9.17
CA PRO A 31 -10.29 26.65 9.15
C PRO A 31 -11.35 26.06 8.23
N ASN A 32 -10.97 25.80 6.98
CA ASN A 32 -11.88 25.23 5.99
C ASN A 32 -12.52 23.95 6.51
N PHE A 33 -11.71 22.91 6.68
CA PHE A 33 -12.25 21.65 7.18
C PHE A 33 -13.21 21.87 8.35
N ASP A 34 -12.76 22.59 9.38
CA ASP A 34 -13.58 22.85 10.55
C ASP A 34 -14.94 23.48 10.28
N ARG A 35 -14.94 24.56 9.50
N ARG A 35 -14.94 24.57 9.51
CA ARG A 35 -16.20 25.24 9.18
CA ARG A 35 -16.19 25.24 9.19
C ARG A 35 -17.17 24.28 8.51
C ARG A 35 -17.16 24.27 8.53
N TYR A 36 -16.66 23.44 7.62
CA TYR A 36 -17.50 22.47 6.95
C TYR A 36 -18.04 21.47 7.99
N TRP A 37 -17.18 21.08 8.92
CA TRP A 37 -17.57 20.13 9.97
C TRP A 37 -18.60 20.74 10.91
N ASN A 38 -18.55 22.05 11.12
CA ASN A 38 -19.50 22.71 11.99
C ASN A 38 -20.80 23.03 11.23
N GLU A 39 -20.66 23.51 9.99
CA GLU A 39 -21.81 23.89 9.19
C GLU A 39 -22.56 22.78 8.42
N TYR A 40 -21.97 21.59 8.30
CA TYR A 40 -22.63 20.51 7.57
C TYR A 40 -22.75 19.20 8.35
N PRO A 41 -23.61 18.28 7.88
CA PRO A 41 -23.83 16.98 8.52
C PRO A 41 -22.54 16.15 8.50
N HIS A 42 -22.23 15.52 9.61
CA HIS A 42 -21.01 14.72 9.68
C HIS A 42 -21.16 13.52 10.59
N THR A 43 -20.16 12.64 10.53
CA THR A 43 -20.12 11.41 11.33
C THR A 43 -18.69 10.84 11.22
N THR A 44 -18.50 9.62 11.69
CA THR A 44 -17.19 8.98 11.59
C THR A 44 -17.43 7.55 11.14
N LEU A 45 -16.41 6.92 10.59
CA LEU A 45 -16.56 5.55 10.11
C LEU A 45 -15.39 4.66 10.52
N LYS A 46 -15.69 3.39 10.75
CA LYS A 46 -14.67 2.41 11.11
C LYS A 46 -13.92 2.09 9.81
N ALA A 47 -12.60 2.19 9.86
CA ALA A 47 -11.77 1.90 8.69
C ALA A 47 -10.68 0.87 9.00
N CYS A 48 -10.87 0.13 10.09
N CYS A 48 -10.90 0.10 10.08
CA CYS A 48 -9.92 -0.90 10.51
CA CYS A 48 -9.93 -0.91 10.48
C CYS A 48 -10.62 -2.23 10.78
C CYS A 48 -10.61 -2.24 10.73
N GLY A 49 -9.83 -3.23 11.12
CA GLY A 49 -10.35 -4.55 11.42
C GLY A 49 -11.40 -5.16 10.51
N GLU A 50 -12.34 -5.87 11.11
CA GLU A 50 -13.39 -6.54 10.37
C GLU A 50 -14.27 -5.60 9.55
N ALA A 51 -14.43 -4.37 10.03
CA ALA A 51 -15.25 -3.41 9.30
C ALA A 51 -14.81 -3.28 7.86
N VAL A 52 -13.52 -3.41 7.63
CA VAL A 52 -13.02 -3.30 6.25
C VAL A 52 -12.51 -4.59 5.63
N GLY A 53 -12.80 -5.72 6.28
CA GLY A 53 -12.37 -7.01 5.74
C GLY A 53 -11.01 -7.51 6.20
N LEU A 54 -10.53 -6.95 7.30
CA LEU A 54 -9.23 -7.33 7.83
C LEU A 54 -9.39 -8.07 9.16
N PRO A 55 -8.30 -8.69 9.65
CA PRO A 55 -8.39 -9.42 10.93
C PRO A 55 -8.72 -8.40 11.99
N GLU A 56 -9.21 -8.87 13.14
CA GLU A 56 -9.55 -7.99 14.24
C GLU A 56 -8.25 -7.32 14.66
N GLY A 57 -8.33 -6.06 15.08
CA GLY A 57 -7.15 -5.35 15.51
C GLY A 57 -6.28 -4.76 14.42
N GLN A 58 -6.23 -5.40 13.26
CA GLN A 58 -5.41 -4.91 12.14
C GLN A 58 -5.78 -3.50 11.70
N MET A 59 -4.77 -2.67 11.44
CA MET A 59 -4.98 -1.28 11.00
C MET A 59 -5.23 -1.24 9.49
N GLY A 60 -5.85 -0.17 9.01
CA GLY A 60 -6.14 -0.04 7.59
C GLY A 60 -5.04 0.63 6.79
N ASN A 61 -5.26 0.79 5.48
CA ASN A 61 -4.27 1.42 4.61
C ASN A 61 -4.93 1.85 3.29
N ALA A 62 -4.18 2.49 2.40
CA ALA A 62 -4.74 2.94 1.14
C ALA A 62 -5.38 1.87 0.26
N GLU A 63 -4.77 0.70 0.11
CA GLU A 63 -5.38 -0.32 -0.73
C GLU A 63 -6.74 -0.70 -0.16
N VAL A 64 -6.75 -1.23 1.06
CA VAL A 64 -7.98 -1.67 1.72
C VAL A 64 -9.03 -0.55 1.71
N GLY A 65 -8.64 0.60 2.25
CA GLY A 65 -9.52 1.74 2.30
C GLY A 65 -10.18 2.05 0.97
N HIS A 66 -9.38 2.13 -0.10
CA HIS A 66 -9.94 2.44 -1.41
C HIS A 66 -10.74 1.33 -2.06
N LEU A 67 -10.43 0.08 -1.73
CA LEU A 67 -11.21 -1.01 -2.29
C LEU A 67 -12.58 -0.88 -1.67
N ASN A 68 -12.60 -0.85 -0.34
CA ASN A 68 -13.83 -0.74 0.43
C ASN A 68 -14.63 0.51 0.13
N ILE A 69 -13.97 1.65 0.06
CA ILE A 69 -14.69 2.88 -0.23
C ILE A 69 -15.41 2.80 -1.57
N GLY A 70 -14.74 2.27 -2.58
CA GLY A 70 -15.35 2.17 -3.89
C GLY A 70 -16.25 0.97 -4.10
N ALA A 71 -16.18 -0.02 -3.22
CA ALA A 71 -16.97 -1.24 -3.37
C ALA A 71 -18.39 -1.21 -2.77
N GLY A 72 -18.60 -0.36 -1.78
CA GLY A 72 -19.92 -0.29 -1.17
C GLY A 72 -20.29 -1.59 -0.49
N ARG A 73 -19.30 -2.24 0.11
CA ARG A 73 -19.52 -3.50 0.80
C ARG A 73 -18.23 -3.81 1.50
N ILE A 74 -18.28 -4.67 2.51
CA ILE A 74 -17.07 -5.05 3.21
C ILE A 74 -16.29 -5.96 2.29
N VAL A 75 -15.12 -5.51 1.84
CA VAL A 75 -14.33 -6.34 0.97
C VAL A 75 -13.38 -7.22 1.75
N TYR A 76 -13.44 -8.51 1.49
CA TYR A 76 -12.59 -9.49 2.15
C TYR A 76 -11.15 -9.27 1.67
N GLN A 77 -10.22 -9.04 2.60
CA GLN A 77 -8.83 -8.77 2.23
C GLN A 77 -7.93 -10.01 2.20
N SER A 78 -6.82 -9.90 1.46
CA SER A 78 -5.82 -10.96 1.29
C SER A 78 -5.15 -11.43 2.57
N LEU A 79 -4.84 -10.48 3.44
CA LEU A 79 -4.20 -10.82 4.69
C LEU A 79 -5.07 -11.83 5.42
N THR A 80 -6.32 -11.43 5.62
CA THR A 80 -7.31 -12.26 6.30
C THR A 80 -7.41 -13.64 5.62
N ARG A 81 -7.68 -13.62 4.33
CA ARG A 81 -7.81 -14.82 3.52
C ARG A 81 -6.63 -15.78 3.67
N ILE A 82 -5.41 -15.25 3.63
CA ILE A 82 -4.24 -16.10 3.77
C ILE A 82 -4.03 -16.58 5.21
N ASN A 83 -4.32 -15.72 6.19
CA ASN A 83 -4.19 -16.13 7.57
C ASN A 83 -5.07 -17.35 7.77
N ILE A 84 -6.30 -17.28 7.28
N ILE A 84 -6.29 -17.28 7.26
CA ILE A 84 -7.25 -18.38 7.40
CA ILE A 84 -7.26 -18.36 7.36
C ILE A 84 -6.76 -19.65 6.73
C ILE A 84 -6.74 -19.64 6.73
N ALA A 85 -6.14 -19.53 5.55
CA ALA A 85 -5.64 -20.70 4.86
C ALA A 85 -4.62 -21.42 5.73
N ILE A 86 -3.77 -20.67 6.41
CA ILE A 86 -2.77 -21.28 7.25
C ILE A 86 -3.45 -21.95 8.43
N ARG A 87 -4.46 -21.28 8.97
CA ARG A 87 -5.21 -21.80 10.11
C ARG A 87 -5.93 -23.11 9.79
N GLU A 88 -6.55 -23.18 8.61
CA GLU A 88 -7.30 -24.35 8.18
C GLU A 88 -6.48 -25.46 7.53
N GLY A 89 -5.17 -25.35 7.56
CA GLY A 89 -4.34 -26.38 6.94
C GLY A 89 -4.39 -26.42 5.41
N GLU A 90 -4.91 -25.37 4.78
CA GLU A 90 -5.02 -25.32 3.32
C GLU A 90 -3.78 -24.76 2.63
N PHE A 91 -3.06 -23.90 3.34
CA PHE A 91 -1.84 -23.26 2.83
C PHE A 91 -0.82 -24.26 2.31
N ASP A 92 -0.64 -25.35 3.04
CA ASP A 92 0.32 -26.38 2.63
C ASP A 92 -0.09 -27.18 1.41
N ARG A 93 -1.37 -27.11 1.06
N ARG A 93 -1.36 -27.11 1.05
CA ARG A 93 -1.92 -27.84 -0.09
CA ARG A 93 -1.86 -27.86 -0.09
C ARG A 93 -1.97 -26.96 -1.34
C ARG A 93 -1.93 -26.97 -1.34
N ASN A 94 -1.43 -25.74 -1.24
CA ASN A 94 -1.45 -24.84 -2.38
C ASN A 94 -0.72 -25.41 -3.60
N GLU A 95 -1.46 -25.58 -4.68
CA GLU A 95 -0.89 -26.13 -5.90
C GLU A 95 0.24 -25.29 -6.48
N THR A 96 0.18 -23.97 -6.35
CA THR A 96 1.24 -23.12 -6.87
C THR A 96 2.51 -23.26 -6.03
N PHE A 97 2.39 -23.25 -4.71
CA PHE A 97 3.59 -23.41 -3.87
C PHE A 97 4.23 -24.77 -4.16
N LEU A 98 3.42 -25.82 -4.14
CA LEU A 98 3.92 -27.17 -4.40
C LEU A 98 4.61 -27.29 -5.76
N ALA A 99 4.02 -26.71 -6.79
CA ALA A 99 4.62 -26.80 -8.11
C ALA A 99 5.95 -26.04 -8.15
N ALA A 100 6.08 -25.03 -7.30
CA ALA A 100 7.32 -24.27 -7.28
C ALA A 100 8.39 -25.15 -6.65
N MET A 101 8.01 -25.81 -5.58
CA MET A 101 8.94 -26.67 -4.87
C MET A 101 9.24 -27.90 -5.70
N ASN A 102 8.25 -28.37 -6.46
N ASN A 102 8.27 -28.35 -6.47
CA ASN A 102 8.48 -29.52 -7.33
CA ASN A 102 8.50 -29.51 -7.32
C ASN A 102 9.51 -29.09 -8.38
C ASN A 102 9.51 -29.09 -8.37
N HIS A 103 9.35 -27.88 -8.90
CA HIS A 103 10.25 -27.37 -9.91
C HIS A 103 11.72 -27.42 -9.49
N VAL A 104 12.05 -26.74 -8.39
N VAL A 104 12.03 -26.75 -8.39
CA VAL A 104 13.42 -26.70 -7.92
CA VAL A 104 13.39 -26.69 -7.86
C VAL A 104 13.97 -28.09 -7.61
C VAL A 104 13.96 -28.08 -7.60
N LYS A 105 13.10 -29.01 -7.21
CA LYS A 105 13.52 -30.36 -6.91
C LYS A 105 13.85 -31.17 -8.17
N GLN A 106 12.94 -31.17 -9.14
CA GLN A 106 13.16 -31.90 -10.37
C GLN A 106 14.34 -31.41 -11.19
N HIS A 107 14.50 -30.10 -11.27
CA HIS A 107 15.58 -29.54 -12.06
C HIS A 107 16.78 -29.15 -11.22
N GLY A 108 16.69 -29.46 -9.93
CA GLY A 108 17.77 -29.18 -9.01
C GLY A 108 18.29 -27.75 -8.94
N THR A 109 17.39 -26.77 -8.92
CA THR A 109 17.84 -25.39 -8.82
C THR A 109 17.64 -24.93 -7.38
N SER A 110 17.32 -23.65 -7.19
CA SER A 110 17.13 -23.15 -5.84
C SER A 110 15.83 -22.40 -5.68
N LEU A 111 15.34 -22.38 -4.45
CA LEU A 111 14.11 -21.68 -4.12
C LEU A 111 14.50 -20.44 -3.34
N HIS A 112 14.01 -19.29 -3.80
CA HIS A 112 14.29 -18.01 -3.16
C HIS A 112 12.99 -17.46 -2.65
N LEU A 113 13.00 -16.90 -1.45
CA LEU A 113 11.79 -16.30 -0.88
C LEU A 113 12.07 -14.84 -0.58
N PHE A 114 11.25 -13.93 -1.09
CA PHE A 114 11.49 -12.54 -0.77
C PHE A 114 10.22 -11.69 -0.59
N GLY A 115 10.33 -10.72 0.32
CA GLY A 115 9.24 -9.83 0.64
C GLY A 115 9.51 -9.09 1.94
N LEU A 116 8.57 -8.22 2.31
CA LEU A 116 8.68 -7.40 3.52
C LEU A 116 8.88 -8.29 4.74
N LEU A 117 9.89 -7.96 5.54
N LEU A 117 9.90 -7.96 5.54
CA LEU A 117 10.20 -8.73 6.74
CA LEU A 117 10.21 -8.72 6.76
C LEU A 117 9.69 -8.11 8.06
C LEU A 117 9.70 -8.07 8.05
N SER A 118 8.38 -8.14 8.26
CA SER A 118 7.80 -7.58 9.48
C SER A 118 6.39 -8.12 9.67
N ASP A 119 5.71 -7.65 10.70
CA ASP A 119 4.35 -8.09 10.93
C ASP A 119 3.40 -6.90 10.81
N GLY A 120 3.76 -5.99 9.91
CA GLY A 120 2.96 -4.81 9.65
C GLY A 120 1.60 -5.21 9.11
N GLY A 121 1.58 -6.23 8.26
CA GLY A 121 0.33 -6.73 7.71
C GLY A 121 -0.25 -5.96 6.55
N VAL A 122 0.44 -4.92 6.11
CA VAL A 122 -0.05 -4.11 5.00
C VAL A 122 0.33 -4.72 3.64
N HIS A 123 1.61 -5.07 3.49
CA HIS A 123 2.11 -5.64 2.24
C HIS A 123 2.47 -7.10 2.43
N SER A 124 2.62 -7.51 3.68
CA SER A 124 3.00 -8.88 3.98
C SER A 124 2.88 -9.14 5.46
N HIS A 125 3.31 -10.33 5.85
CA HIS A 125 3.36 -10.74 7.24
C HIS A 125 4.42 -11.81 7.36
N ILE A 126 5.38 -11.57 8.25
CA ILE A 126 6.49 -12.49 8.44
C ILE A 126 6.00 -13.90 8.74
N HIS A 127 4.82 -14.02 9.35
CA HIS A 127 4.31 -15.34 9.67
C HIS A 127 4.05 -16.18 8.41
N HIS A 128 3.73 -15.53 7.29
CA HIS A 128 3.50 -16.28 6.06
C HIS A 128 4.84 -16.88 5.60
N LEU A 129 5.91 -16.11 5.78
CA LEU A 129 7.22 -16.58 5.39
C LEU A 129 7.59 -17.82 6.19
N TYR A 130 7.35 -17.77 7.50
CA TYR A 130 7.66 -18.92 8.32
C TYR A 130 6.84 -20.08 7.80
N ALA A 131 5.66 -19.76 7.28
CA ALA A 131 4.79 -20.80 6.75
C ALA A 131 5.42 -21.42 5.49
N LEU A 132 6.07 -20.59 4.66
CA LEU A 132 6.70 -21.11 3.46
C LEU A 132 7.95 -21.88 3.80
N LEU A 133 8.62 -21.49 4.88
CA LEU A 133 9.83 -22.18 5.29
C LEU A 133 9.50 -23.56 5.83
N ARG A 134 8.45 -23.63 6.63
CA ARG A 134 8.02 -24.89 7.21
C ARG A 134 7.52 -25.83 6.12
N LEU A 135 6.82 -25.28 5.12
CA LEU A 135 6.31 -26.09 4.02
C LEU A 135 7.48 -26.60 3.21
N ALA A 136 8.47 -25.74 3.01
CA ALA A 136 9.63 -26.11 2.23
C ALA A 136 10.31 -27.32 2.88
N ALA A 137 10.55 -27.23 4.19
CA ALA A 137 11.19 -28.31 4.93
C ALA A 137 10.36 -29.58 4.82
N LYS A 138 9.03 -29.41 4.82
N LYS A 138 9.03 -29.41 4.83
CA LYS A 138 8.13 -30.55 4.70
CA LYS A 138 8.13 -30.53 4.71
C LYS A 138 8.31 -31.21 3.34
C LYS A 138 8.29 -31.21 3.34
N GLU A 139 8.42 -30.39 2.29
CA GLU A 139 8.58 -30.91 0.93
C GLU A 139 10.01 -31.36 0.61
N GLY A 140 10.93 -31.17 1.56
CA GLY A 140 12.29 -31.59 1.35
C GLY A 140 13.13 -30.76 0.40
N VAL A 141 12.92 -29.45 0.38
CA VAL A 141 13.69 -28.57 -0.49
C VAL A 141 15.00 -28.26 0.24
N LYS A 142 16.12 -28.57 -0.39
CA LYS A 142 17.42 -28.35 0.25
C LYS A 142 17.91 -26.91 0.29
N ARG A 143 17.95 -26.26 -0.87
CA ARG A 143 18.41 -24.88 -0.94
C ARG A 143 17.31 -23.81 -0.98
N VAL A 144 17.11 -23.17 0.17
CA VAL A 144 16.15 -22.11 0.33
C VAL A 144 16.87 -20.86 0.82
N TYR A 145 16.71 -19.77 0.06
CA TYR A 145 17.32 -18.50 0.38
C TYR A 145 16.29 -17.40 0.57
N ILE A 146 16.54 -16.54 1.55
N ILE A 146 16.55 -16.53 1.54
CA ILE A 146 15.65 -15.43 1.88
CA ILE A 146 15.63 -15.44 1.86
C ILE A 146 16.26 -14.09 1.51
C ILE A 146 16.24 -14.10 1.52
N HIS A 147 15.48 -13.27 0.81
CA HIS A 147 15.94 -11.93 0.44
C HIS A 147 14.94 -11.03 1.15
N GLY A 148 15.42 -10.43 2.24
CA GLY A 148 14.57 -9.58 3.04
C GLY A 148 14.49 -8.12 2.67
N PHE A 149 13.26 -7.63 2.64
CA PHE A 149 12.97 -6.24 2.35
C PHE A 149 12.64 -5.67 3.72
N LEU A 150 13.49 -4.78 4.24
CA LEU A 150 13.28 -4.18 5.55
C LEU A 150 12.17 -3.12 5.55
N ASP A 151 11.31 -3.18 6.56
CA ASP A 151 10.14 -2.30 6.68
C ASP A 151 10.40 -0.89 7.23
N GLY A 152 10.18 -0.69 8.52
CA GLY A 152 10.38 0.61 9.14
C GLY A 152 9.29 1.62 8.79
N ARG A 153 8.30 1.18 8.01
CA ARG A 153 7.22 2.05 7.59
C ARG A 153 5.87 1.59 8.13
N ASP A 154 5.66 0.27 8.17
CA ASP A 154 4.41 -0.29 8.69
C ASP A 154 4.62 -0.70 10.13
N VAL A 155 5.86 -0.55 10.58
CA VAL A 155 6.25 -0.88 11.93
C VAL A 155 7.29 0.14 12.38
N GLY A 156 7.93 -0.10 13.51
CA GLY A 156 8.93 0.83 14.01
C GLY A 156 10.00 1.10 12.97
N PRO A 157 10.61 2.29 12.97
CA PRO A 157 11.66 2.65 12.01
C PRO A 157 12.99 1.93 12.18
N GLN A 158 13.26 1.43 13.38
CA GLN A 158 14.49 0.68 13.64
C GLN A 158 14.16 -0.57 14.43
N THR A 159 13.30 -1.42 13.85
CA THR A 159 12.88 -2.65 14.50
C THR A 159 13.37 -3.89 13.76
N ALA A 160 14.04 -3.68 12.63
CA ALA A 160 14.56 -4.78 11.81
C ALA A 160 15.27 -5.90 12.56
N PRO A 161 16.15 -5.56 13.50
CA PRO A 161 16.90 -6.55 14.29
C PRO A 161 16.07 -7.62 14.99
N GLN A 162 14.87 -7.23 15.46
N GLN A 162 14.89 -7.22 15.45
CA GLN A 162 14.00 -8.19 16.14
CA GLN A 162 13.99 -8.14 16.14
C GLN A 162 13.45 -9.18 15.13
C GLN A 162 13.45 -9.15 15.13
N TYR A 163 13.09 -8.68 13.95
CA TYR A 163 12.57 -9.53 12.91
C TYR A 163 13.68 -10.46 12.42
N ILE A 164 14.87 -9.90 12.25
CA ILE A 164 15.98 -10.70 11.78
C ILE A 164 16.29 -11.79 12.79
N LYS A 165 16.32 -11.42 14.07
CA LYS A 165 16.61 -12.40 15.11
C LYS A 165 15.55 -13.50 15.16
N GLU A 166 14.28 -13.13 15.06
CA GLU A 166 13.23 -14.13 15.10
C GLU A 166 13.39 -15.08 13.89
N LEU A 167 13.58 -14.50 12.71
CA LEU A 167 13.75 -15.31 11.50
C LEU A 167 14.88 -16.31 11.65
N GLN A 168 15.99 -15.91 12.26
CA GLN A 168 17.11 -16.82 12.44
C GLN A 168 16.73 -17.99 13.35
N GLU A 169 15.86 -17.72 14.33
CA GLU A 169 15.43 -18.75 15.25
C GLU A 169 14.58 -19.78 14.49
N LYS A 170 13.65 -19.29 13.68
CA LYS A 170 12.78 -20.17 12.89
C LYS A 170 13.61 -20.99 11.92
N ILE A 171 14.58 -20.35 11.27
CA ILE A 171 15.44 -21.05 10.33
C ILE A 171 16.02 -22.28 11.02
N LYS A 172 16.65 -22.07 12.17
CA LYS A 172 17.26 -23.16 12.94
C LYS A 172 16.24 -24.19 13.38
N GLU A 173 15.03 -23.74 13.66
CA GLU A 173 13.98 -24.63 14.12
C GLU A 173 13.47 -25.51 12.98
N TYR A 174 13.22 -24.92 11.81
CA TYR A 174 12.71 -25.68 10.69
C TYR A 174 13.78 -26.48 9.97
N GLY A 175 15.02 -26.01 10.08
CA GLY A 175 16.12 -26.70 9.44
C GLY A 175 16.32 -26.39 7.96
N VAL A 176 15.91 -25.21 7.52
N VAL A 176 15.88 -25.22 7.52
CA VAL A 176 16.07 -24.84 6.11
CA VAL A 176 16.03 -24.83 6.11
C VAL A 176 16.12 -23.33 5.96
C VAL A 176 16.09 -23.32 5.94
N GLY A 177 16.78 -22.86 4.90
CA GLY A 177 16.87 -21.43 4.67
C GLY A 177 18.11 -20.70 5.18
N GLU A 178 18.53 -19.72 4.38
CA GLU A 178 19.69 -18.90 4.70
C GLU A 178 19.39 -17.49 4.20
N ILE A 179 19.53 -16.50 5.08
CA ILE A 179 19.32 -15.11 4.69
C ILE A 179 20.42 -14.75 3.70
N ALA A 180 20.03 -14.43 2.47
CA ALA A 180 20.99 -14.11 1.43
C ALA A 180 21.27 -12.63 1.26
N THR A 181 20.24 -11.81 1.36
CA THR A 181 20.39 -10.36 1.21
C THR A 181 19.44 -9.64 2.14
N LEU A 182 19.57 -8.32 2.21
CA LEU A 182 18.73 -7.47 3.03
C LEU A 182 18.69 -6.12 2.35
N SER A 183 17.48 -5.64 2.06
N SER A 183 17.50 -5.64 2.05
CA SER A 183 17.32 -4.36 1.40
CA SER A 183 17.36 -4.34 1.39
C SER A 183 16.15 -3.57 1.98
C SER A 183 16.15 -3.56 1.95
N GLY A 184 16.31 -2.24 2.01
CA GLY A 184 15.24 -1.39 2.52
C GLY A 184 14.11 -1.38 1.50
N ARG A 185 12.86 -1.34 1.97
CA ARG A 185 11.70 -1.35 1.08
C ARG A 185 11.71 -0.17 0.10
N TYR A 186 12.58 0.80 0.37
CA TYR A 186 12.72 1.98 -0.46
C TYR A 186 13.24 1.56 -1.85
N TYR A 187 14.22 0.67 -1.86
CA TYR A 187 14.80 0.19 -3.12
C TYR A 187 14.09 -1.02 -3.69
N SER A 188 13.74 -1.98 -2.84
CA SER A 188 13.10 -3.20 -3.32
C SER A 188 11.61 -3.10 -3.58
N MET A 189 10.95 -2.12 -2.97
CA MET A 189 9.50 -1.98 -3.16
C MET A 189 9.05 -0.59 -3.56
N ASP A 190 9.65 -0.07 -4.62
CA ASP A 190 9.27 1.26 -5.11
C ASP A 190 8.05 1.14 -6.02
N ARG A 191 7.20 2.17 -5.99
CA ARG A 191 6.01 2.18 -6.83
C ARG A 191 5.96 3.46 -7.66
N ASP A 192 7.03 4.24 -7.64
CA ASP A 192 7.07 5.50 -8.38
C ASP A 192 7.86 5.46 -9.67
N LYS A 193 8.16 4.27 -10.15
N LYS A 193 8.16 4.27 -10.17
CA LYS A 193 8.92 4.10 -11.38
CA LYS A 193 8.93 4.11 -11.41
C LYS A 193 10.30 4.72 -11.33
C LYS A 193 10.31 4.75 -11.32
N ARG A 194 10.89 4.76 -10.13
CA ARG A 194 12.23 5.30 -9.92
C ARG A 194 13.13 4.10 -10.12
N TRP A 195 13.40 3.77 -11.39
CA TRP A 195 14.18 2.59 -11.72
C TRP A 195 15.60 2.46 -11.18
N ASP A 196 16.18 3.58 -10.75
CA ASP A 196 17.52 3.51 -10.21
C ASP A 196 17.48 2.79 -8.87
N ARG A 197 16.39 2.99 -8.14
CA ARG A 197 16.23 2.36 -6.84
C ARG A 197 16.03 0.88 -7.05
N VAL A 198 15.15 0.56 -7.99
CA VAL A 198 14.82 -0.81 -8.32
C VAL A 198 16.07 -1.59 -8.73
N GLU A 199 16.84 -0.99 -9.63
CA GLU A 199 18.05 -1.62 -10.15
C GLU A 199 19.02 -2.00 -9.03
N LYS A 200 19.11 -1.14 -8.02
CA LYS A 200 20.01 -1.38 -6.90
C LYS A 200 19.68 -2.71 -6.21
N ALA A 201 18.38 -2.91 -5.95
CA ALA A 201 17.90 -4.12 -5.30
C ALA A 201 18.12 -5.32 -6.19
N TYR A 202 17.76 -5.16 -7.46
CA TYR A 202 17.94 -6.23 -8.42
C TYR A 202 19.36 -6.75 -8.51
N ARG A 203 20.32 -5.84 -8.69
CA ARG A 203 21.72 -6.23 -8.83
C ARG A 203 22.34 -6.85 -7.59
N ALA A 204 21.72 -6.60 -6.44
CA ALA A 204 22.21 -7.15 -5.17
C ALA A 204 21.80 -8.62 -5.12
N MET A 205 20.55 -8.89 -5.50
CA MET A 205 20.02 -10.23 -5.48
C MET A 205 20.52 -11.14 -6.60
N VAL A 206 20.89 -10.56 -7.74
CA VAL A 206 21.34 -11.37 -8.87
C VAL A 206 22.85 -11.41 -9.10
N TYR A 207 23.57 -10.39 -8.66
CA TYR A 207 25.01 -10.35 -8.85
C TYR A 207 25.80 -10.19 -7.56
N GLY A 208 25.10 -10.23 -6.42
CA GLY A 208 25.77 -10.05 -5.15
C GLY A 208 26.50 -8.72 -5.07
N GLU A 209 25.90 -7.66 -5.62
CA GLU A 209 26.50 -6.33 -5.60
C GLU A 209 25.85 -5.39 -4.59
N GLY A 210 26.70 -4.80 -3.74
CA GLY A 210 26.24 -3.88 -2.72
C GLY A 210 27.08 -4.14 -1.50
N PRO A 211 26.80 -3.47 -0.36
CA PRO A 211 27.56 -3.65 0.87
C PRO A 211 27.56 -5.12 1.29
N THR A 212 28.75 -5.66 1.60
CA THR A 212 28.85 -7.06 2.01
C THR A 212 29.15 -7.22 3.50
N TYR A 213 28.56 -8.27 4.07
CA TYR A 213 28.71 -8.57 5.49
C TYR A 213 28.58 -10.07 5.70
N ARG A 214 29.17 -10.57 6.78
CA ARG A 214 29.10 -11.98 7.13
C ARG A 214 27.86 -12.17 8.01
N ASP A 215 27.60 -11.21 8.88
CA ASP A 215 26.48 -11.27 9.80
C ASP A 215 25.38 -10.27 9.45
N PRO A 216 24.14 -10.75 9.27
CA PRO A 216 23.01 -9.87 8.94
C PRO A 216 22.88 -8.74 9.94
N LEU A 217 22.93 -9.10 11.23
CA LEU A 217 22.81 -8.13 12.32
C LEU A 217 23.85 -7.01 12.27
N GLU A 218 25.05 -7.32 11.76
CA GLU A 218 26.10 -6.31 11.69
C GLU A 218 25.83 -5.38 10.53
N CYS A 219 25.14 -5.88 9.53
CA CYS A 219 24.80 -5.08 8.37
C CYS A 219 23.87 -3.98 8.88
N ILE A 220 22.81 -4.41 9.58
N ILE A 220 22.77 -4.39 9.52
CA ILE A 220 21.83 -3.50 10.16
CA ILE A 220 21.79 -3.45 10.02
C ILE A 220 22.52 -2.47 11.07
C ILE A 220 22.33 -2.49 11.08
N GLU A 221 23.26 -2.96 12.06
N GLU A 221 23.29 -2.96 11.87
CA GLU A 221 23.93 -2.07 13.00
CA GLU A 221 23.88 -2.11 12.91
C GLU A 221 24.89 -1.07 12.34
C GLU A 221 24.79 -1.07 12.27
N ASP A 222 25.55 -1.50 11.26
CA ASP A 222 26.47 -0.63 10.56
C ASP A 222 25.69 0.46 9.84
N SER A 223 24.54 0.10 9.28
CA SER A 223 23.73 1.09 8.57
C SER A 223 23.12 2.09 9.53
N TYR A 224 22.74 1.63 10.72
CA TYR A 224 22.17 2.53 11.70
C TYR A 224 23.24 3.56 12.08
N LYS A 225 24.47 3.08 12.26
N LYS A 225 24.47 3.08 12.25
CA LYS A 225 25.57 3.95 12.63
CA LYS A 225 25.58 3.93 12.63
C LYS A 225 25.68 5.12 11.67
C LYS A 225 25.75 5.10 11.65
N HIS A 226 25.29 4.90 10.41
CA HIS A 226 25.35 5.95 9.41
C HIS A 226 24.03 6.67 9.33
N GLY A 227 23.18 6.42 10.32
CA GLY A 227 21.89 7.09 10.38
C GLY A 227 20.91 6.61 9.33
N ILE A 228 21.23 5.51 8.65
N ILE A 228 21.23 5.51 8.65
CA ILE A 228 20.35 4.95 7.63
CA ILE A 228 20.35 4.97 7.63
C ILE A 228 19.55 3.80 8.24
C ILE A 228 19.55 3.80 8.24
N TYR A 229 18.26 4.01 8.42
CA TYR A 229 17.41 2.98 9.01
C TYR A 229 16.62 2.05 8.07
N ASP A 230 16.02 1.04 8.68
CA ASP A 230 15.22 0.00 8.02
C ASP A 230 14.69 0.31 6.63
N GLU A 231 13.78 1.29 6.54
CA GLU A 231 13.21 1.65 5.26
C GLU A 231 14.19 2.02 4.15
N PHE A 232 15.27 2.72 4.49
CA PHE A 232 16.23 3.18 3.48
C PHE A 232 17.58 2.47 3.42
N VAL A 233 17.68 1.31 4.04
CA VAL A 233 18.93 0.55 4.03
C VAL A 233 19.30 0.11 2.62
N LEU A 234 20.56 0.33 2.23
CA LEU A 234 21.05 -0.05 0.90
C LEU A 234 21.03 -1.54 0.66
N PRO A 235 20.48 -1.98 -0.47
CA PRO A 235 20.44 -3.42 -0.78
C PRO A 235 21.80 -4.03 -0.46
N SER A 236 21.86 -4.88 0.55
CA SER A 236 23.14 -5.46 0.97
C SER A 236 23.24 -6.96 0.73
N VAL A 237 24.48 -7.46 0.67
CA VAL A 237 24.74 -8.87 0.43
C VAL A 237 25.40 -9.61 1.60
N ILE A 238 24.78 -10.70 2.06
CA ILE A 238 25.38 -11.48 3.13
C ILE A 238 26.34 -12.45 2.46
N VAL A 239 27.56 -12.54 2.96
CA VAL A 239 28.54 -13.42 2.33
C VAL A 239 28.95 -14.59 3.21
N ARG A 240 29.55 -15.59 2.58
CA ARG A 240 30.00 -16.77 3.30
C ARG A 240 31.41 -16.59 3.84
N GLU A 241 31.96 -17.65 4.42
CA GLU A 241 33.30 -17.60 5.00
C GLU A 241 34.37 -17.36 3.94
N ASP A 242 34.14 -17.82 2.72
CA ASP A 242 35.10 -17.62 1.63
C ASP A 242 34.93 -16.26 0.94
N GLY A 243 34.01 -15.44 1.44
CA GLY A 243 33.81 -14.14 0.84
C GLY A 243 32.78 -14.12 -0.27
N ARG A 244 32.34 -15.31 -0.69
CA ARG A 244 31.34 -15.41 -1.74
C ARG A 244 29.94 -15.11 -1.19
N PRO A 245 29.04 -14.65 -2.07
CA PRO A 245 27.65 -14.33 -1.67
C PRO A 245 26.96 -15.61 -1.18
N VAL A 246 26.11 -15.48 -0.18
CA VAL A 246 25.38 -16.63 0.33
C VAL A 246 24.61 -17.28 -0.83
N ALA A 247 24.07 -16.46 -1.72
CA ALA A 247 23.33 -16.99 -2.87
C ALA A 247 22.82 -15.94 -3.85
N THR A 248 23.00 -16.21 -5.14
CA THR A 248 22.50 -15.31 -6.17
C THR A 248 21.39 -16.01 -6.98
N ILE A 249 20.46 -15.24 -7.53
CA ILE A 249 19.36 -15.82 -8.30
C ILE A 249 19.80 -16.21 -9.71
N GLN A 250 19.77 -17.52 -9.97
CA GLN A 250 20.20 -18.04 -11.25
C GLN A 250 19.13 -18.71 -12.09
N ASP A 251 19.49 -19.01 -13.33
CA ASP A 251 18.59 -19.65 -14.27
C ASP A 251 17.84 -20.83 -13.66
N ASN A 252 16.55 -20.87 -13.93
CA ASN A 252 15.67 -21.91 -13.46
C ASN A 252 15.40 -22.02 -11.96
N ASP A 253 15.96 -21.13 -11.15
CA ASP A 253 15.64 -21.19 -9.73
C ASP A 253 14.15 -20.83 -9.65
N ALA A 254 13.56 -20.96 -8.47
CA ALA A 254 12.16 -20.60 -8.25
C ALA A 254 12.11 -19.42 -7.28
N ILE A 255 11.14 -18.53 -7.48
CA ILE A 255 11.00 -17.38 -6.60
C ILE A 255 9.56 -17.23 -6.09
N ILE A 256 9.41 -17.10 -4.77
CA ILE A 256 8.10 -16.90 -4.16
C ILE A 256 8.13 -15.54 -3.46
N PHE A 257 7.47 -14.56 -4.07
CA PHE A 257 7.38 -13.18 -3.55
C PHE A 257 6.18 -13.23 -2.62
N TYR A 258 6.41 -13.21 -1.32
N TYR A 258 6.40 -13.22 -1.31
CA TYR A 258 5.31 -13.29 -0.37
CA TYR A 258 5.27 -13.31 -0.40
C TYR A 258 4.64 -11.98 0.03
C TYR A 258 4.58 -12.01 -0.01
N ASN A 259 4.52 -11.06 -0.93
CA ASN A 259 3.85 -9.80 -0.66
C ASN A 259 2.46 -10.03 -1.22
N PHE A 260 1.44 -9.45 -0.58
CA PHE A 260 0.08 -9.65 -1.06
C PHE A 260 -0.62 -8.38 -1.50
N ARG A 261 0.12 -7.29 -1.58
CA ARG A 261 -0.44 -6.01 -2.03
C ARG A 261 0.35 -5.68 -3.28
N PRO A 262 -0.35 -5.51 -4.42
CA PRO A 262 0.22 -5.22 -5.74
C PRO A 262 1.00 -3.94 -6.10
N ASP A 263 0.61 -2.78 -5.60
CA ASP A 263 1.30 -1.56 -6.02
C ASP A 263 2.82 -1.50 -5.86
N ARG A 264 3.36 -2.01 -4.76
CA ARG A 264 4.82 -1.97 -4.60
C ARG A 264 5.49 -3.27 -5.02
N ALA A 265 4.73 -4.18 -5.63
CA ALA A 265 5.32 -5.44 -6.02
C ALA A 265 5.51 -5.58 -7.54
N ILE A 266 4.67 -4.87 -8.30
CA ILE A 266 4.71 -4.92 -9.75
C ILE A 266 6.08 -4.66 -10.39
N GLN A 267 6.73 -3.59 -9.95
CA GLN A 267 8.01 -3.22 -10.52
C GLN A 267 9.13 -4.26 -10.43
N ILE A 268 9.50 -4.69 -9.22
CA ILE A 268 10.58 -5.67 -9.08
C ILE A 268 10.20 -7.02 -9.70
N SER A 269 8.90 -7.29 -9.75
CA SER A 269 8.42 -8.53 -10.32
C SER A 269 8.61 -8.51 -11.84
N ASN A 270 8.33 -7.37 -12.45
CA ASN A 270 8.49 -7.25 -13.90
C ASN A 270 9.97 -7.40 -14.25
N THR A 271 10.83 -6.82 -13.40
CA THR A 271 12.27 -6.90 -13.61
C THR A 271 12.74 -8.35 -13.66
N PHE A 272 12.02 -9.24 -13.00
CA PHE A 272 12.40 -10.65 -12.97
C PHE A 272 11.75 -11.53 -14.02
N THR A 273 10.53 -11.19 -14.40
CA THR A 273 9.76 -11.99 -15.35
C THR A 273 9.63 -11.52 -16.80
N ASN A 274 9.79 -10.22 -17.04
CA ASN A 274 9.65 -9.67 -18.39
C ASN A 274 10.74 -10.08 -19.36
N GLU A 275 10.34 -10.65 -20.49
CA GLU A 275 11.27 -11.10 -21.52
C GLU A 275 11.97 -9.88 -22.09
N ASP A 276 11.19 -8.83 -22.36
CA ASP A 276 11.75 -7.58 -22.88
C ASP A 276 11.59 -6.55 -21.78
N PHE A 277 12.72 -6.06 -21.27
CA PHE A 277 12.70 -5.07 -20.21
C PHE A 277 13.63 -3.94 -20.60
N ARG A 278 13.05 -2.75 -20.84
CA ARG A 278 13.83 -1.60 -21.27
C ARG A 278 14.15 -0.55 -20.21
N GLU A 279 13.38 -0.51 -19.12
N GLU A 279 13.37 -0.53 -19.13
CA GLU A 279 13.60 0.47 -18.07
CA GLU A 279 13.57 0.43 -18.04
C GLU A 279 15.06 0.61 -17.68
C GLU A 279 15.04 0.60 -17.67
N PHE A 280 15.76 -0.52 -17.63
CA PHE A 280 17.19 -0.53 -17.34
C PHE A 280 17.83 -1.81 -17.85
N ASP A 281 19.14 -1.78 -18.04
CA ASP A 281 19.85 -2.94 -18.55
C ASP A 281 20.13 -3.94 -17.44
N ARG A 282 19.56 -5.13 -17.58
CA ARG A 282 19.72 -6.18 -16.58
C ARG A 282 21.05 -6.89 -16.68
N GLY A 283 21.72 -6.68 -17.81
CA GLY A 283 23.02 -7.32 -18.03
C GLY A 283 22.88 -8.76 -18.49
N PRO A 284 23.87 -9.30 -19.20
CA PRO A 284 23.96 -10.63 -19.78
C PRO A 284 23.73 -11.90 -18.98
N LYS A 285 23.94 -11.89 -17.66
CA LYS A 285 23.69 -13.10 -16.85
C LYS A 285 22.26 -13.11 -16.35
N HIS A 286 21.53 -12.02 -16.60
CA HIS A 286 20.18 -11.90 -16.09
C HIS A 286 19.56 -13.29 -16.10
N PRO A 287 19.26 -13.82 -14.90
CA PRO A 287 18.67 -15.16 -14.76
C PRO A 287 17.37 -15.25 -15.55
N LYS A 288 17.26 -16.29 -16.38
CA LYS A 288 16.07 -16.52 -17.19
C LYS A 288 15.38 -17.79 -16.72
N HIS A 289 14.20 -18.03 -17.27
CA HIS A 289 13.43 -19.22 -16.95
C HIS A 289 13.15 -19.30 -15.47
N LEU A 290 12.74 -18.20 -14.85
CA LEU A 290 12.45 -18.21 -13.44
C LEU A 290 11.01 -18.67 -13.16
N PHE A 291 10.85 -19.63 -12.26
CA PHE A 291 9.51 -20.11 -11.90
C PHE A 291 9.06 -19.06 -10.87
N PHE A 292 8.30 -18.07 -11.33
CA PHE A 292 7.90 -16.97 -10.46
C PHE A 292 6.49 -17.05 -9.88
N VAL A 293 6.40 -16.96 -8.56
CA VAL A 293 5.11 -17.02 -7.89
C VAL A 293 4.77 -15.70 -7.17
N CYS A 294 3.60 -15.16 -7.49
CA CYS A 294 3.11 -13.93 -6.86
C CYS A 294 2.12 -14.45 -5.82
N LEU A 295 2.22 -14.00 -4.58
CA LEU A 295 1.30 -14.47 -3.55
C LEU A 295 -0.15 -14.21 -3.98
N THR A 296 -0.40 -13.04 -4.56
CA THR A 296 -1.72 -12.68 -5.07
C THR A 296 -1.52 -11.97 -6.40
N HIS A 297 -2.60 -11.72 -7.11
CA HIS A 297 -2.50 -11.06 -8.41
C HIS A 297 -1.84 -9.69 -8.34
N PHE A 298 -0.76 -9.51 -9.09
CA PHE A 298 -0.06 -8.22 -9.13
C PHE A 298 -0.47 -7.49 -10.41
N SER A 299 -0.21 -8.14 -11.54
CA SER A 299 -0.53 -7.57 -12.84
C SER A 299 -0.36 -8.63 -13.92
N GLU A 300 -1.00 -8.43 -15.05
CA GLU A 300 -0.93 -9.36 -16.17
C GLU A 300 0.44 -9.30 -16.82
N THR A 301 1.14 -8.19 -16.60
CA THR A 301 2.48 -7.97 -17.17
C THR A 301 3.53 -8.87 -16.54
N VAL A 302 3.20 -9.45 -15.39
CA VAL A 302 4.13 -10.34 -14.70
C VAL A 302 3.99 -11.78 -15.20
N ALA A 303 5.02 -12.24 -15.89
CA ALA A 303 5.02 -13.60 -16.42
C ALA A 303 5.27 -14.63 -15.31
N GLY A 304 4.31 -14.75 -14.40
N GLY A 304 4.32 -14.71 -14.38
CA GLY A 304 4.46 -15.72 -13.32
CA GLY A 304 4.43 -15.63 -13.27
C GLY A 304 3.15 -16.40 -12.95
C GLY A 304 3.11 -16.23 -12.83
N TYR A 305 3.17 -17.14 -11.84
CA TYR A 305 1.99 -17.83 -11.31
C TYR A 305 1.44 -17.16 -10.04
N VAL A 306 0.14 -17.30 -9.81
CA VAL A 306 -0.52 -16.72 -8.65
C VAL A 306 -0.97 -17.78 -7.67
N ALA A 307 -0.51 -17.66 -6.44
CA ALA A 307 -0.85 -18.62 -5.38
C ALA A 307 -2.33 -18.54 -5.05
N PHE A 308 -2.81 -17.34 -4.75
CA PHE A 308 -4.22 -17.15 -4.42
C PHE A 308 -4.92 -16.34 -5.51
N LYS A 309 -5.79 -17.01 -6.25
CA LYS A 309 -6.50 -16.37 -7.33
C LYS A 309 -7.41 -15.24 -6.88
N PRO A 310 -7.48 -14.18 -7.66
CA PRO A 310 -8.33 -13.03 -7.34
C PRO A 310 -9.78 -13.30 -7.75
N THR A 311 -10.68 -12.42 -7.32
CA THR A 311 -12.09 -12.56 -7.66
C THR A 311 -12.68 -11.18 -7.93
N ASN A 312 -13.30 -11.04 -9.08
CA ASN A 312 -13.90 -9.79 -9.49
C ASN A 312 -14.88 -9.22 -8.50
N LEU A 313 -14.84 -7.90 -8.36
CA LEU A 313 -15.75 -7.17 -7.49
C LEU A 313 -16.61 -6.48 -8.52
N ASP A 314 -17.87 -6.88 -8.63
CA ASP A 314 -18.71 -6.25 -9.63
C ASP A 314 -19.55 -5.14 -9.04
N ASN A 315 -19.96 -4.23 -9.92
CA ASN A 315 -20.77 -3.08 -9.58
C ASN A 315 -20.21 -2.17 -8.49
N THR A 316 -18.97 -1.76 -8.69
CA THR A 316 -18.32 -0.87 -7.77
C THR A 316 -18.80 0.51 -8.23
N ILE A 317 -18.74 1.50 -7.35
CA ILE A 317 -19.21 2.83 -7.69
C ILE A 317 -18.85 3.26 -9.12
N GLY A 318 -17.61 3.01 -9.52
CA GLY A 318 -17.16 3.40 -10.85
C GLY A 318 -17.94 2.77 -11.99
N GLU A 319 -18.27 1.50 -11.82
CA GLU A 319 -19.01 0.74 -12.82
C GLU A 319 -20.46 1.24 -12.89
N VAL A 320 -21.09 1.41 -11.74
CA VAL A 320 -22.48 1.90 -11.69
C VAL A 320 -22.58 3.25 -12.39
N LEU A 321 -21.67 4.17 -12.07
CA LEU A 321 -21.65 5.48 -12.68
C LEU A 321 -21.61 5.33 -14.20
N SER A 322 -20.74 4.44 -14.64
CA SER A 322 -20.54 4.18 -16.05
C SER A 322 -21.81 3.66 -16.72
N GLN A 323 -22.40 2.63 -16.13
CA GLN A 323 -23.61 2.02 -16.67
C GLN A 323 -24.75 3.02 -16.83
N HIS A 324 -24.77 4.05 -16.00
CA HIS A 324 -25.82 5.04 -16.07
C HIS A 324 -25.49 6.27 -16.90
N GLY A 325 -24.45 6.18 -17.71
CA GLY A 325 -24.08 7.29 -18.56
C GLY A 325 -23.41 8.52 -17.96
N LEU A 326 -22.95 8.45 -16.71
CA LEU A 326 -22.31 9.61 -16.14
C LEU A 326 -20.83 9.67 -16.52
N ARG A 327 -20.29 10.89 -16.56
CA ARG A 327 -18.90 11.10 -16.86
C ARG A 327 -18.20 11.28 -15.53
N GLN A 328 -17.16 10.49 -15.29
CA GLN A 328 -16.43 10.56 -14.03
C GLN A 328 -14.96 10.89 -14.23
N LEU A 329 -14.37 11.50 -13.20
CA LEU A 329 -12.97 11.87 -13.20
C LEU A 329 -12.29 11.33 -11.95
N ARG A 330 -11.08 10.80 -12.12
CA ARG A 330 -10.29 10.27 -11.01
C ARG A 330 -9.04 11.15 -11.04
N ILE A 331 -8.65 11.69 -9.89
CA ILE A 331 -7.47 12.55 -9.88
C ILE A 331 -6.69 12.50 -8.57
N ALA A 332 -5.38 12.61 -8.68
CA ALA A 332 -4.46 12.59 -7.54
C ALA A 332 -3.05 12.72 -8.06
N GLU A 333 -2.10 12.89 -7.16
CA GLU A 333 -0.71 12.99 -7.60
C GLU A 333 -0.10 11.61 -7.52
N THR A 334 1.07 11.43 -8.13
CA THR A 334 1.80 10.16 -8.18
C THR A 334 1.56 9.17 -7.05
N GLU A 335 1.91 9.57 -5.84
CA GLU A 335 1.77 8.72 -4.66
C GLU A 335 0.43 8.01 -4.44
N LYS A 336 -0.68 8.63 -4.81
CA LYS A 336 -1.97 7.98 -4.62
C LYS A 336 -2.74 7.78 -5.92
N TYR A 337 -2.08 8.03 -7.05
CA TYR A 337 -2.72 7.86 -8.34
C TYR A 337 -3.31 6.43 -8.49
N PRO A 338 -2.55 5.41 -8.06
CA PRO A 338 -3.01 4.02 -8.15
C PRO A 338 -4.27 3.75 -7.35
N HIS A 339 -4.40 4.42 -6.22
CA HIS A 339 -5.55 4.20 -5.36
C HIS A 339 -6.85 4.77 -5.89
N VAL A 340 -6.81 5.97 -6.43
CA VAL A 340 -8.01 6.58 -6.99
C VAL A 340 -8.42 5.92 -8.30
N THR A 341 -7.51 5.14 -8.88
CA THR A 341 -7.81 4.46 -10.14
C THR A 341 -8.03 2.96 -9.94
N PHE A 342 -6.94 2.20 -9.94
CA PHE A 342 -6.99 0.74 -9.77
C PHE A 342 -7.79 0.23 -8.57
N PHE A 343 -7.40 0.60 -7.36
CA PHE A 343 -8.10 0.14 -6.17
C PHE A 343 -9.54 0.64 -6.06
N MET A 344 -9.77 1.90 -6.42
CA MET A 344 -11.09 2.50 -6.38
C MET A 344 -12.03 1.75 -7.33
N SER A 345 -11.46 1.22 -8.41
CA SER A 345 -12.25 0.49 -9.38
C SER A 345 -12.31 -1.00 -9.02
N GLY A 346 -12.00 -1.31 -7.76
CA GLY A 346 -12.06 -2.68 -7.30
C GLY A 346 -10.97 -3.61 -7.80
N GLY A 347 -9.77 -3.09 -8.03
CA GLY A 347 -8.69 -3.91 -8.50
C GLY A 347 -8.66 -4.05 -10.02
N ARG A 348 -9.16 -3.04 -10.70
CA ARG A 348 -9.20 -3.03 -12.15
C ARG A 348 -8.34 -1.87 -12.67
N GLU A 349 -7.54 -2.10 -13.70
CA GLU A 349 -6.68 -1.04 -14.24
C GLU A 349 -7.33 -0.28 -15.40
N GLU A 350 -8.10 -0.99 -16.22
CA GLU A 350 -8.78 -0.36 -17.34
C GLU A 350 -9.88 0.62 -16.92
N GLU A 351 -9.87 1.80 -17.53
CA GLU A 351 -10.87 2.82 -17.25
C GLU A 351 -12.23 2.30 -17.70
N PHE A 352 -13.29 2.82 -17.08
CA PHE A 352 -14.65 2.44 -17.45
C PHE A 352 -15.01 3.41 -18.57
N PRO A 353 -16.04 3.09 -19.34
CA PRO A 353 -16.40 4.04 -20.40
C PRO A 353 -16.88 5.30 -19.72
N GLY A 354 -16.30 6.45 -20.08
CA GLY A 354 -16.73 7.69 -19.46
C GLY A 354 -15.83 8.13 -18.32
N GLU A 355 -14.90 7.26 -17.92
CA GLU A 355 -13.98 7.56 -16.83
C GLU A 355 -12.72 8.24 -17.31
N ASP A 356 -12.46 9.44 -16.79
CA ASP A 356 -11.26 10.22 -17.11
C ASP A 356 -10.32 10.23 -15.91
N ARG A 357 -9.02 10.19 -16.17
CA ARG A 357 -8.03 10.19 -15.10
C ARG A 357 -6.99 11.30 -15.25
N ILE A 358 -6.67 11.97 -14.16
CA ILE A 358 -5.65 13.00 -14.20
C ILE A 358 -4.57 12.60 -13.23
N LEU A 359 -3.33 12.61 -13.72
CA LEU A 359 -2.18 12.25 -12.90
C LEU A 359 -1.27 13.46 -12.77
N ILE A 360 -0.98 13.82 -11.54
CA ILE A 360 -0.11 14.95 -11.26
C ILE A 360 1.18 14.44 -10.59
N ASN A 361 2.32 14.79 -11.17
CA ASN A 361 3.59 14.34 -10.65
C ASN A 361 3.95 14.89 -9.28
N SER A 362 4.34 14.00 -8.38
CA SER A 362 4.75 14.40 -7.03
C SER A 362 6.16 14.98 -7.11
N PRO A 363 6.55 15.82 -6.14
CA PRO A 363 7.89 16.43 -6.14
C PRO A 363 9.04 15.43 -6.15
N LYS A 364 10.13 15.81 -6.80
CA LYS A 364 11.32 14.98 -6.90
C LYS A 364 12.15 15.03 -5.63
N VAL A 365 11.63 14.48 -4.53
CA VAL A 365 12.37 14.49 -3.27
C VAL A 365 12.39 13.09 -2.64
N PRO A 366 13.50 12.71 -2.00
CA PRO A 366 13.58 11.39 -1.38
C PRO A 366 12.46 11.17 -0.37
N THR A 367 12.28 12.13 0.53
CA THR A 367 11.24 12.04 1.54
C THR A 367 10.40 13.32 1.49
N TYR A 368 9.10 13.18 1.74
CA TYR A 368 8.21 14.32 1.64
C TYR A 368 8.17 15.28 2.82
N ASP A 369 8.95 14.99 3.86
CA ASP A 369 9.00 15.89 4.99
C ASP A 369 9.87 17.08 4.54
N LEU A 370 10.43 16.94 3.34
CA LEU A 370 11.26 17.98 2.75
C LEU A 370 10.40 18.95 1.93
N LYS A 371 9.16 18.55 1.62
CA LYS A 371 8.26 19.41 0.84
C LYS A 371 6.80 19.05 1.11
N PRO A 372 6.35 19.28 2.35
CA PRO A 372 5.01 19.03 2.85
C PRO A 372 3.82 19.35 1.94
N GLU A 373 3.87 20.46 1.21
CA GLU A 373 2.75 20.82 0.35
C GLU A 373 2.73 19.93 -0.87
N MET A 374 3.78 19.13 -1.02
CA MET A 374 3.92 18.21 -2.14
C MET A 374 3.45 18.86 -3.42
N SER A 375 2.49 18.24 -4.08
CA SER A 375 1.97 18.79 -5.32
C SER A 375 0.50 19.12 -5.18
N ALA A 376 0.06 19.27 -3.93
CA ALA A 376 -1.33 19.57 -3.64
C ALA A 376 -1.89 20.77 -4.41
N TYR A 377 -1.06 21.79 -4.63
N TYR A 377 -1.02 21.76 -4.63
CA TYR A 377 -1.55 22.96 -5.35
CA TYR A 377 -1.38 22.98 -5.35
C TYR A 377 -1.81 22.68 -6.84
C TYR A 377 -1.76 22.69 -6.80
N GLU A 378 -0.89 21.96 -7.49
CA GLU A 378 -1.08 21.62 -8.90
C GLU A 378 -2.30 20.73 -9.11
N VAL A 379 -2.58 19.88 -8.14
CA VAL A 379 -3.73 19.00 -8.25
C VAL A 379 -4.97 19.86 -8.20
N THR A 380 -5.02 20.72 -7.20
CA THR A 380 -6.14 21.59 -7.03
C THR A 380 -6.34 22.47 -8.26
N ASP A 381 -5.27 23.05 -8.75
CA ASP A 381 -5.36 23.91 -9.93
C ASP A 381 -6.04 23.16 -11.07
N ALA A 382 -5.42 22.04 -11.43
CA ALA A 382 -5.91 21.18 -12.51
C ALA A 382 -7.36 20.82 -12.31
N LEU A 383 -7.73 20.49 -11.08
CA LEU A 383 -9.11 20.10 -10.82
C LEU A 383 -10.08 21.26 -10.96
N LEU A 384 -9.69 22.44 -10.48
CA LEU A 384 -10.56 23.61 -10.56
C LEU A 384 -10.93 23.96 -12.00
N LYS A 385 -9.98 23.80 -12.91
CA LYS A 385 -10.21 24.07 -14.31
C LYS A 385 -11.31 23.15 -14.83
N GLU A 386 -11.15 21.86 -14.56
CA GLU A 386 -12.12 20.86 -14.98
C GLU A 386 -13.49 21.18 -14.42
N ILE A 387 -13.54 21.57 -13.16
CA ILE A 387 -14.81 21.89 -12.53
C ILE A 387 -15.45 23.05 -13.24
N GLU A 388 -14.63 24.01 -13.61
N GLU A 388 -14.63 24.03 -13.61
CA GLU A 388 -15.09 25.21 -14.31
CA GLU A 388 -15.11 25.21 -14.30
C GLU A 388 -15.67 24.90 -15.68
C GLU A 388 -15.72 24.87 -15.66
N ALA A 389 -15.22 23.81 -16.29
CA ALA A 389 -15.70 23.42 -17.62
C ALA A 389 -17.00 22.62 -17.68
N ASP A 390 -17.60 22.35 -16.53
CA ASP A 390 -18.86 21.60 -16.46
C ASP A 390 -18.80 20.31 -17.28
N LYS A 391 -17.83 19.45 -16.97
CA LYS A 391 -17.66 18.19 -17.69
C LYS A 391 -18.03 16.94 -16.92
N TYR A 392 -17.80 16.92 -15.62
CA TYR A 392 -18.07 15.73 -14.84
C TYR A 392 -19.28 15.69 -13.92
N ASP A 393 -19.92 14.54 -13.86
CA ASP A 393 -21.08 14.35 -12.99
C ASP A 393 -20.55 13.95 -11.61
N ALA A 394 -19.45 13.21 -11.59
CA ALA A 394 -18.85 12.76 -10.34
C ALA A 394 -17.35 12.96 -10.34
N ILE A 395 -16.78 13.13 -9.15
CA ILE A 395 -15.34 13.34 -9.06
C ILE A 395 -14.76 12.61 -7.87
N ILE A 396 -13.62 11.95 -8.09
CA ILE A 396 -12.96 11.25 -7.02
C ILE A 396 -11.55 11.79 -6.88
N LEU A 397 -11.33 12.56 -5.82
CA LEU A 397 -10.04 13.19 -5.54
C LEU A 397 -9.40 12.71 -4.26
N ASN A 398 -8.08 12.54 -4.30
CA ASN A 398 -7.32 12.11 -3.14
C ASN A 398 -6.16 13.06 -2.89
N TYR A 399 -6.06 13.56 -1.66
CA TYR A 399 -4.95 14.43 -1.27
C TYR A 399 -4.06 13.52 -0.45
N ALA A 400 -2.90 13.20 -0.99
CA ALA A 400 -1.95 12.29 -0.34
C ALA A 400 -1.08 12.87 0.76
N ASN A 401 -1.06 14.19 0.88
CA ASN A 401 -0.20 14.84 1.85
C ASN A 401 -0.09 14.29 3.28
N PRO A 402 -1.21 14.22 4.03
CA PRO A 402 -1.15 13.71 5.42
C PRO A 402 -0.42 12.36 5.58
N ASP A 403 -0.87 11.35 4.85
CA ASP A 403 -0.27 10.03 4.91
C ASP A 403 1.20 10.02 4.50
N MET A 404 1.50 10.64 3.37
CA MET A 404 2.87 10.66 2.87
C MET A 404 3.87 11.34 3.78
N VAL A 405 3.50 12.51 4.29
CA VAL A 405 4.35 13.28 5.17
C VAL A 405 4.30 12.69 6.59
N GLY A 406 3.17 12.11 6.94
CA GLY A 406 3.03 11.53 8.26
C GLY A 406 3.89 10.28 8.41
N HIS A 407 4.07 9.56 7.31
CA HIS A 407 4.89 8.36 7.36
C HIS A 407 6.31 8.69 7.81
N SER A 408 6.66 9.98 7.82
CA SER A 408 8.00 10.42 8.22
C SER A 408 8.23 10.44 9.72
N GLY A 409 7.15 10.33 10.50
CA GLY A 409 7.31 10.36 11.94
C GLY A 409 7.72 11.73 12.48
N LYS A 410 7.61 12.77 11.65
CA LYS A 410 7.96 14.14 12.04
C LYS A 410 6.72 15.02 12.20
N LEU A 411 6.56 15.61 13.37
CA LEU A 411 5.39 16.45 13.68
C LEU A 411 5.20 17.74 12.87
N GLU A 412 6.20 18.62 12.89
CA GLU A 412 6.08 19.88 12.18
C GLU A 412 5.77 19.75 10.69
N PRO A 413 6.51 18.92 9.96
CA PRO A 413 6.23 18.78 8.52
C PRO A 413 4.83 18.22 8.27
N THR A 414 4.39 17.32 9.13
CA THR A 414 3.07 16.74 8.97
C THR A 414 2.01 17.78 9.22
N ILE A 415 2.32 18.78 10.04
CA ILE A 415 1.34 19.82 10.29
C ILE A 415 1.26 20.72 9.06
N LYS A 416 2.40 21.02 8.48
N LYS A 416 2.40 21.02 8.47
CA LYS A 416 2.41 21.86 7.30
CA LYS A 416 2.39 21.88 7.29
C LYS A 416 1.60 21.18 6.20
C LYS A 416 1.59 21.18 6.20
N ALA A 417 1.82 19.87 6.05
CA ALA A 417 1.11 19.09 5.04
C ALA A 417 -0.40 19.24 5.21
N VAL A 418 -0.87 18.95 6.43
CA VAL A 418 -2.28 19.04 6.72
C VAL A 418 -2.80 20.42 6.36
N GLU A 419 -2.09 21.45 6.80
CA GLU A 419 -2.53 22.80 6.52
C GLU A 419 -2.52 23.08 5.02
N ALA A 420 -1.58 22.49 4.29
CA ALA A 420 -1.56 22.71 2.85
C ALA A 420 -2.84 22.10 2.27
N VAL A 421 -3.13 20.87 2.66
CA VAL A 421 -4.33 20.23 2.17
C VAL A 421 -5.56 21.06 2.53
N ASP A 422 -5.66 21.51 3.78
CA ASP A 422 -6.82 22.31 4.20
C ASP A 422 -7.05 23.53 3.33
N GLU A 423 -5.98 24.23 2.96
CA GLU A 423 -6.14 25.40 2.12
C GLU A 423 -6.79 24.99 0.78
N CYS A 424 -6.20 23.99 0.13
CA CYS A 424 -6.70 23.50 -1.16
C CYS A 424 -8.14 22.99 -1.08
N LEU A 425 -8.44 22.28 0.01
CA LEU A 425 -9.76 21.72 0.23
C LEU A 425 -10.82 22.82 0.21
N GLY A 426 -10.46 23.97 0.76
CA GLY A 426 -11.38 25.09 0.81
C GLY A 426 -11.71 25.53 -0.60
N LYS A 427 -10.67 25.72 -1.41
CA LYS A 427 -10.88 26.12 -2.79
C LYS A 427 -11.72 25.11 -3.56
N VAL A 428 -11.49 23.81 -3.30
CA VAL A 428 -12.22 22.76 -4.00
C VAL A 428 -13.67 22.64 -3.58
N VAL A 429 -13.94 22.46 -2.29
CA VAL A 429 -15.32 22.35 -1.86
C VAL A 429 -16.14 23.60 -2.23
N ASP A 430 -15.56 24.80 -2.08
CA ASP A 430 -16.28 26.02 -2.42
C ASP A 430 -16.74 26.02 -3.87
N ALA A 431 -15.79 25.81 -4.79
CA ALA A 431 -16.10 25.79 -6.22
C ALA A 431 -17.21 24.76 -6.51
N ILE A 432 -17.17 23.64 -5.82
CA ILE A 432 -18.18 22.61 -6.02
C ILE A 432 -19.53 23.17 -5.61
N LEU A 433 -19.56 23.81 -4.45
CA LEU A 433 -20.80 24.37 -3.93
C LEU A 433 -21.35 25.43 -4.86
N ALA A 434 -20.47 26.24 -5.46
CA ALA A 434 -20.93 27.28 -6.36
C ALA A 434 -21.65 26.66 -7.56
N LYS A 435 -21.13 25.55 -8.06
CA LYS A 435 -21.75 24.85 -9.19
C LYS A 435 -23.05 24.18 -8.72
N GLY A 436 -23.31 24.26 -7.42
CA GLY A 436 -24.52 23.66 -6.89
C GLY A 436 -24.38 22.17 -6.67
N GLY A 437 -23.14 21.70 -6.56
CA GLY A 437 -22.93 20.29 -6.34
C GLY A 437 -22.79 19.97 -4.87
N ILE A 438 -22.34 18.75 -4.58
N ILE A 438 -22.35 18.75 -4.57
CA ILE A 438 -22.15 18.32 -3.21
CA ILE A 438 -22.17 18.30 -3.20
C ILE A 438 -20.82 17.62 -3.08
C ILE A 438 -20.84 17.58 -3.07
N ALA A 439 -20.19 17.74 -1.92
CA ALA A 439 -18.92 17.10 -1.69
C ALA A 439 -19.05 16.12 -0.54
N ILE A 440 -18.24 15.07 -0.58
CA ILE A 440 -18.22 14.07 0.46
C ILE A 440 -16.77 14.01 0.92
N ILE A 441 -16.50 14.72 2.00
CA ILE A 441 -15.16 14.79 2.58
C ILE A 441 -14.92 13.64 3.54
N THR A 442 -13.87 12.88 3.29
CA THR A 442 -13.57 11.72 4.12
C THR A 442 -12.10 11.32 4.03
N ALA A 443 -11.80 10.12 4.51
CA ALA A 443 -10.45 9.60 4.50
C ALA A 443 -10.50 8.09 4.40
N ASP A 444 -9.37 7.50 4.05
CA ASP A 444 -9.26 6.05 3.90
C ASP A 444 -8.70 5.33 5.13
N HIS A 445 -8.01 6.04 6.01
CA HIS A 445 -7.41 5.44 7.20
C HIS A 445 -6.63 6.49 7.99
N GLY A 446 -6.20 6.13 9.19
CA GLY A 446 -5.47 7.09 10.01
C GLY A 446 -3.97 7.04 9.87
N ASN A 447 -3.30 8.11 10.28
CA ASN A 447 -1.84 8.21 10.20
C ASN A 447 -1.33 9.50 10.84
N ALA A 448 -1.61 10.60 10.15
CA ALA A 448 -1.21 11.94 10.55
C ALA A 448 -1.66 12.33 11.95
N ASP A 449 -2.60 11.56 12.49
CA ASP A 449 -3.13 11.83 13.83
C ASP A 449 -2.20 11.33 14.93
N GLU A 450 -1.13 10.66 14.53
CA GLU A 450 -0.13 10.16 15.48
C GLU A 450 1.17 9.87 14.79
N VAL A 451 2.01 10.89 14.72
CA VAL A 451 3.32 10.77 14.10
C VAL A 451 4.45 10.76 15.15
N LEU A 452 4.11 10.62 16.43
CA LEU A 452 5.06 10.59 17.53
C LEU A 452 4.48 9.63 18.56
N THR A 453 5.34 8.85 19.18
CA THR A 453 4.97 7.89 20.21
C THR A 453 4.76 8.68 21.51
N PRO A 454 4.22 8.08 22.53
CA PRO A 454 3.98 8.75 23.82
C PRO A 454 5.26 9.30 24.36
N ASP A 455 6.34 8.59 24.06
CA ASP A 455 7.68 8.93 24.50
C ASP A 455 8.30 10.01 23.61
N GLY A 456 7.59 10.42 22.57
CA GLY A 456 8.15 11.45 21.71
C GLY A 456 8.99 10.99 20.55
N LYS A 457 8.95 9.70 20.24
CA LYS A 457 9.74 9.19 19.13
C LYS A 457 8.91 9.06 17.86
N PRO A 458 9.58 9.01 16.69
CA PRO A 458 8.84 8.91 15.43
C PRO A 458 7.88 7.73 15.42
N GLN A 459 6.68 7.97 14.89
CA GLN A 459 5.65 6.95 14.75
C GLN A 459 5.40 7.05 13.25
N THR A 460 5.98 6.13 12.49
CA THR A 460 5.89 6.14 11.04
C THR A 460 4.72 5.42 10.38
N ALA A 461 3.96 4.66 11.15
CA ALA A 461 2.85 3.89 10.62
C ALA A 461 1.46 4.51 10.73
N HIS A 462 0.45 3.68 10.41
CA HIS A 462 -0.95 4.08 10.44
C HIS A 462 -1.54 3.87 11.84
N THR A 463 -2.73 4.40 12.03
CA THR A 463 -3.42 4.27 13.30
C THR A 463 -4.72 3.49 13.08
N THR A 464 -5.47 3.26 14.14
CA THR A 464 -6.71 2.52 14.02
C THR A 464 -7.89 3.43 14.24
N ASN A 465 -7.63 4.70 14.47
CA ASN A 465 -8.67 5.67 14.72
C ASN A 465 -9.67 5.79 13.57
N PRO A 466 -10.91 6.22 13.87
CA PRO A 466 -11.99 6.38 12.90
C PRO A 466 -11.80 7.59 11.99
N VAL A 467 -12.30 7.49 10.76
CA VAL A 467 -12.15 8.60 9.82
C VAL A 467 -13.37 9.49 9.80
N PRO A 468 -13.20 10.74 9.38
CA PRO A 468 -14.27 11.72 9.29
C PRO A 468 -15.15 11.60 8.05
N VAL A 469 -16.33 12.21 8.08
CA VAL A 469 -17.26 12.18 6.96
C VAL A 469 -18.15 13.41 6.96
N ILE A 470 -18.04 14.22 5.91
CA ILE A 470 -18.84 15.41 5.82
C ILE A 470 -19.58 15.43 4.48
N VAL A 471 -20.89 15.60 4.50
CA VAL A 471 -21.67 15.68 3.26
C VAL A 471 -22.18 17.12 3.19
N THR A 472 -21.63 17.91 2.28
CA THR A 472 -22.01 19.32 2.14
C THR A 472 -23.43 19.57 1.63
N LYS A 473 -24.41 19.07 2.36
CA LYS A 473 -25.79 19.30 1.98
C LYS A 473 -26.61 19.57 3.23
N LYS A 474 -27.20 20.77 3.31
CA LYS A 474 -28.04 21.15 4.45
C LYS A 474 -29.34 20.34 4.42
N GLY A 475 -29.99 20.28 5.57
CA GLY A 475 -31.26 19.58 5.64
C GLY A 475 -31.25 18.07 5.77
N ILE A 476 -30.08 17.45 5.94
CA ILE A 476 -30.05 15.99 6.10
C ILE A 476 -29.27 15.53 7.34
N LYS A 477 -29.36 14.24 7.66
CA LYS A 477 -28.64 13.70 8.81
C LYS A 477 -27.92 12.42 8.42
N LEU A 478 -26.71 12.23 8.96
CA LEU A 478 -25.94 11.04 8.69
C LEU A 478 -26.01 10.12 9.91
N ARG A 479 -26.32 8.85 9.71
CA ARG A 479 -26.38 7.93 10.83
C ARG A 479 -24.96 7.62 11.32
N ASP A 480 -24.85 7.15 12.56
CA ASP A 480 -23.55 6.82 13.13
C ASP A 480 -23.33 5.31 13.09
N GLY A 481 -22.10 4.89 13.33
CA GLY A 481 -21.81 3.46 13.31
C GLY A 481 -21.55 2.92 11.92
N GLY A 482 -21.33 3.83 10.97
CA GLY A 482 -21.08 3.41 9.61
C GLY A 482 -19.67 2.86 9.39
N ILE A 483 -19.42 2.42 8.17
CA ILE A 483 -18.12 1.88 7.77
C ILE A 483 -17.86 2.38 6.37
N LEU A 484 -16.62 2.28 5.91
CA LEU A 484 -16.26 2.75 4.58
C LEU A 484 -17.16 2.17 3.49
N GLY A 485 -17.62 0.94 3.68
CA GLY A 485 -18.47 0.30 2.70
C GLY A 485 -19.83 0.97 2.53
N ASP A 486 -20.06 2.05 3.27
CA ASP A 486 -21.32 2.79 3.21
C ASP A 486 -21.19 4.07 2.37
N LEU A 487 -19.96 4.47 2.07
CA LEU A 487 -19.71 5.68 1.30
C LEU A 487 -20.20 5.64 -0.16
N ALA A 488 -19.98 4.53 -0.86
CA ALA A 488 -20.41 4.40 -2.25
C ALA A 488 -21.94 4.53 -2.31
N PRO A 489 -22.64 3.79 -1.44
CA PRO A 489 -24.10 3.86 -1.43
C PRO A 489 -24.57 5.28 -1.17
N THR A 490 -23.84 5.99 -0.32
CA THR A 490 -24.20 7.36 -0.01
C THR A 490 -24.06 8.25 -1.23
N MET A 491 -23.03 8.01 -2.04
CA MET A 491 -22.83 8.82 -3.23
C MET A 491 -23.96 8.58 -4.24
N LEU A 492 -24.31 7.32 -4.43
CA LEU A 492 -25.39 6.96 -5.36
C LEU A 492 -26.69 7.58 -4.88
N ASP A 493 -26.83 7.70 -3.57
CA ASP A 493 -28.02 8.29 -2.99
C ASP A 493 -28.10 9.75 -3.44
N LEU A 494 -26.99 10.46 -3.27
CA LEU A 494 -26.92 11.85 -3.65
C LEU A 494 -27.16 12.05 -5.13
N LEU A 495 -26.70 11.09 -5.93
CA LEU A 495 -26.85 11.16 -7.38
C LEU A 495 -28.20 10.63 -7.85
N GLY A 496 -29.02 10.18 -6.92
CA GLY A 496 -30.31 9.66 -7.32
C GLY A 496 -30.22 8.43 -8.22
N LEU A 497 -29.16 7.64 -8.04
CA LEU A 497 -28.97 6.42 -8.81
C LEU A 497 -29.33 5.23 -7.96
N PRO A 498 -29.88 4.18 -8.59
CA PRO A 498 -30.29 2.95 -7.89
C PRO A 498 -29.08 2.20 -7.36
N GLN A 499 -29.21 1.59 -6.18
CA GLN A 499 -28.11 0.85 -5.58
C GLN A 499 -28.17 -0.64 -5.99
N PRO A 500 -27.09 -1.17 -6.56
CA PRO A 500 -26.99 -2.57 -7.00
C PRO A 500 -26.96 -3.53 -5.83
N LYS A 501 -27.44 -4.75 -6.05
CA LYS A 501 -27.48 -5.76 -5.01
C LYS A 501 -26.09 -6.11 -4.47
N GLU A 502 -25.06 -5.94 -5.29
CA GLU A 502 -23.69 -6.25 -4.89
C GLU A 502 -23.21 -5.39 -3.73
N MET A 503 -23.69 -4.15 -3.69
CA MET A 503 -23.32 -3.20 -2.66
C MET A 503 -24.16 -3.46 -1.41
N THR A 504 -23.63 -4.26 -0.50
CA THR A 504 -24.34 -4.59 0.73
C THR A 504 -24.16 -3.55 1.81
N GLY A 505 -23.73 -2.37 1.41
CA GLY A 505 -23.52 -1.31 2.37
C GLY A 505 -24.80 -0.49 2.40
N LYS A 506 -24.81 0.59 3.17
CA LYS A 506 -26.01 1.39 3.30
C LYS A 506 -25.74 2.89 3.44
N SER A 507 -26.45 3.68 2.65
CA SER A 507 -26.33 5.14 2.69
C SER A 507 -26.27 5.63 4.14
N LEU A 508 -25.44 6.64 4.37
CA LEU A 508 -25.28 7.21 5.70
C LEU A 508 -26.35 8.28 5.96
N ILE A 509 -27.10 8.62 4.91
CA ILE A 509 -28.16 9.62 5.03
C ILE A 509 -29.45 9.01 5.59
N VAL A 510 -29.91 9.54 6.71
CA VAL A 510 -31.12 9.06 7.37
C VAL A 510 -32.40 9.32 6.56
N LYS A 511 -33.33 8.48 6.62
MN MN B . 0.23 5.20 4.33
C1 2PG C . 2.68 2.29 1.35
C2 2PG C . 1.71 2.09 2.55
C3 2PG C . 2.53 1.62 3.75
P 2PG C . -0.51 3.49 2.14
O1 2PG C . 3.43 3.33 1.50
O2 2PG C . 2.65 1.47 0.37
O3 2PG C . 3.25 0.41 3.61
O1P 2PG C . 0.94 3.31 2.79
O2P 2PG C . -0.29 3.52 0.67
O3P 2PG C . -1.30 2.29 2.56
O4P 2PG C . -1.11 4.75 2.60
S SO4 D . -3.59 -5.85 -14.37
O1 SO4 D . -3.40 -7.36 -14.93
O2 SO4 D . -2.28 -5.26 -14.45
O3 SO4 D . -4.48 -5.22 -15.07
O4 SO4 D . -3.93 -6.06 -12.97
S SO4 E . 16.20 8.40 -7.85
O1 SO4 E . 15.99 7.18 -8.89
O2 SO4 E . 17.29 9.18 -8.40
O3 SO4 E . 15.07 9.09 -7.75
O4 SO4 E . 16.65 7.78 -6.65
S SO4 F . -4.20 6.89 21.97
O1 SO4 F . -2.62 7.25 21.94
O2 SO4 F . -4.77 7.50 20.78
O3 SO4 F . -4.36 5.60 21.98
O4 SO4 F . -4.67 7.60 23.13
S SO4 G . -4.19 5.90 -17.51
O1 SO4 G . -3.56 4.54 -18.14
O2 SO4 G . -5.38 6.16 -18.29
O3 SO4 G . -4.44 5.73 -16.24
O4 SO4 G . -3.18 6.88 -17.82
S SO4 H . 5.56 -23.93 14.64
O1 SO4 H . 6.85 -23.19 15.31
O2 SO4 H . 5.00 -22.96 13.65
O3 SO4 H . 5.94 -25.07 14.08
O4 SO4 H . 4.63 -24.06 15.70
S SO4 I . 26.21 -5.83 -16.49
O1 SO4 I . 26.55 -6.47 -17.94
O2 SO4 I . 26.70 -4.46 -16.56
O3 SO4 I . 24.93 -5.89 -16.25
O4 SO4 I . 27.04 -6.59 -15.60
#